data_9OD6
#
_entry.id   9OD6
#
_cell.length_a   69.775
_cell.length_b   69.775
_cell.length_c   314.836
_cell.angle_alpha   90.00
_cell.angle_beta   90.00
_cell.angle_gamma   120.00
#
_symmetry.space_group_name_H-M   'P 65 2 2'
#
loop_
_entity.id
_entity.type
_entity.pdbx_description
1 polymer 'nucleoside-diphosphate kinase'
2 non-polymer 'CITRIC ACID'
3 water water
#
_entity_poly.entity_id   1
_entity_poly.type   'polypeptide(L)'
_entity_poly.pdbx_seq_one_letter_code
;MAHHHHHHVEQTYLMIKPDGIQRQVVGEIISRFEKRGYRIAAMKLTIATPAILEEHYAEHKGKPFLPGLIEKMTGPVLCM
VFEGVDVIAQARKMMGSTRPGEAAPGTIRADFCQQAGRNLIHGSDSAESAKREISLWFKPEEIQSYKLALSDYIFE
;
_entity_poly.pdbx_strand_id   A,B,C
#
loop_
_chem_comp.id
_chem_comp.type
_chem_comp.name
_chem_comp.formula
CIT non-polymer 'CITRIC ACID' 'C6 H8 O7'
#
# COMPACT_ATOMS: atom_id res chain seq x y z
N HIS A 8 16.12 15.44 15.57
CA HIS A 8 16.60 16.32 14.53
C HIS A 8 16.02 15.92 13.18
N VAL A 9 15.51 16.88 12.43
CA VAL A 9 15.07 16.53 11.09
C VAL A 9 16.27 16.67 10.15
N GLU A 10 16.13 16.12 8.96
CA GLU A 10 17.08 16.36 7.88
C GLU A 10 16.29 16.66 6.62
N GLN A 11 17.02 16.96 5.55
CA GLN A 11 16.44 17.28 4.26
C GLN A 11 17.03 16.36 3.19
N THR A 12 16.17 15.89 2.29
CA THR A 12 16.60 15.06 1.19
C THR A 12 16.17 15.69 -0.13
N TYR A 13 16.92 15.39 -1.19
CA TYR A 13 16.59 15.81 -2.55
C TYR A 13 15.80 14.69 -3.22
N LEU A 14 14.59 15.01 -3.68
CA LEU A 14 13.73 14.10 -4.43
C LEU A 14 13.40 14.74 -5.76
N MET A 15 13.46 13.98 -6.83
CA MET A 15 13.23 14.49 -8.18
C MET A 15 12.29 13.58 -8.92
N ILE A 16 11.16 14.14 -9.38
CA ILE A 16 10.24 13.39 -10.24
C ILE A 16 10.82 13.41 -11.64
N LYS A 17 11.06 12.24 -12.19
CA LYS A 17 11.70 12.08 -13.50
C LYS A 17 10.66 12.34 -14.61
N PRO A 18 11.11 12.44 -15.85
CA PRO A 18 10.16 12.81 -16.92
C PRO A 18 8.98 11.87 -17.04
N ASP A 19 9.15 10.57 -16.74
CA ASP A 19 8.03 9.65 -16.75
C ASP A 19 6.97 10.02 -15.69
N GLY A 20 7.38 10.51 -14.53
CA GLY A 20 6.40 10.99 -13.55
C GLY A 20 5.62 12.20 -14.05
N ILE A 21 6.29 13.11 -14.74
CA ILE A 21 5.62 14.28 -15.30
C ILE A 21 4.66 13.84 -16.39
N GLN A 22 5.14 13.02 -17.32
CA GLN A 22 4.38 12.67 -18.51
C GLN A 22 3.20 11.77 -18.20
N ARG A 23 3.34 10.88 -17.21
CA ARG A 23 2.23 10.03 -16.76
C ARG A 23 1.27 10.78 -15.85
N GLN A 24 1.62 12.01 -15.50
CA GLN A 24 0.75 12.93 -14.77
C GLN A 24 0.35 12.36 -13.41
N VAL A 25 1.37 11.94 -12.66
CA VAL A 25 1.23 11.44 -11.31
C VAL A 25 1.99 12.31 -10.29
N VAL A 26 2.31 13.55 -10.67
CA VAL A 26 3.06 14.41 -9.77
C VAL A 26 2.33 14.60 -8.45
N GLY A 27 1.06 14.95 -8.52
CA GLY A 27 0.31 15.17 -7.30
C GLY A 27 0.27 13.94 -6.40
N GLU A 28 0.07 12.77 -7.00
CA GLU A 28 0.03 11.55 -6.20
C GLU A 28 1.35 11.32 -5.48
N ILE A 29 2.47 11.58 -6.18
CA ILE A 29 3.79 11.43 -5.55
C ILE A 29 3.93 12.37 -4.38
N ILE A 30 3.62 13.66 -4.61
CA ILE A 30 3.76 14.64 -3.53
C ILE A 30 2.89 14.25 -2.35
N SER A 31 1.67 13.79 -2.61
CA SER A 31 0.76 13.41 -1.54
C SER A 31 1.35 12.31 -0.66
N ARG A 32 2.12 11.38 -1.22
CA ARG A 32 2.67 10.30 -0.41
C ARG A 32 3.64 10.84 0.64
N PHE A 33 4.42 11.86 0.28
CA PHE A 33 5.37 12.45 1.22
C PHE A 33 4.66 13.37 2.21
N GLU A 34 3.69 14.15 1.73
CA GLU A 34 2.91 14.99 2.63
C GLU A 34 2.19 14.16 3.69
N LYS A 35 1.79 12.93 3.33
CA LYS A 35 0.98 12.13 4.22
C LYS A 35 1.71 11.76 5.51
N ARG A 36 3.04 11.74 5.48
CA ARG A 36 3.83 11.46 6.67
C ARG A 36 4.18 12.72 7.45
N GLY A 37 3.67 13.87 7.04
CA GLY A 37 4.06 15.09 7.68
C GLY A 37 5.42 15.58 7.28
N TYR A 38 5.93 15.11 6.15
CA TYR A 38 7.15 15.70 5.61
C TYR A 38 6.82 17.06 5.03
N ARG A 39 7.73 18.01 5.25
CA ARG A 39 7.55 19.40 4.85
C ARG A 39 8.21 19.69 3.52
N ILE A 40 7.49 20.34 2.62
CA ILE A 40 8.06 20.81 1.35
C ILE A 40 8.94 22.02 1.67
N ALA A 41 10.25 21.86 1.56
CA ALA A 41 11.20 22.96 1.76
C ALA A 41 11.60 23.62 0.45
N ALA A 42 11.46 22.94 -0.69
CA ALA A 42 11.77 23.54 -1.98
C ALA A 42 11.06 22.73 -3.06
N MET A 43 10.72 23.40 -4.16
CA MET A 43 10.06 22.72 -5.27
C MET A 43 10.20 23.60 -6.49
N LYS A 44 10.59 22.99 -7.62
CA LYS A 44 10.85 23.72 -8.85
C LYS A 44 10.67 22.79 -10.03
N LEU A 45 9.84 23.18 -10.99
CA LEU A 45 9.79 22.50 -12.28
C LEU A 45 10.86 23.08 -13.19
N THR A 46 11.66 22.21 -13.79
CA THR A 46 12.64 22.62 -14.78
C THR A 46 12.70 21.55 -15.86
N ILE A 47 13.52 21.79 -16.87
CA ILE A 47 13.84 20.76 -17.85
C ILE A 47 15.30 20.41 -17.66
N ALA A 48 15.55 19.14 -17.32
CA ALA A 48 16.91 18.68 -17.07
C ALA A 48 17.65 18.61 -18.39
N THR A 49 18.89 19.09 -18.40
CA THR A 49 19.73 19.10 -19.59
C THR A 49 20.95 18.21 -19.37
N PRO A 50 21.62 17.80 -20.44
CA PRO A 50 22.78 16.92 -20.26
C PRO A 50 23.84 17.49 -19.33
N ALA A 51 24.11 18.79 -19.37
CA ALA A 51 25.19 19.33 -18.54
C ALA A 51 24.87 19.21 -17.05
N ILE A 52 23.64 19.53 -16.64
CA ILE A 52 23.32 19.38 -15.22
CA ILE A 52 23.28 19.38 -15.22
C ILE A 52 23.23 17.91 -14.85
N LEU A 53 22.72 17.06 -15.74
CA LEU A 53 22.60 15.64 -15.44
C LEU A 53 23.98 14.98 -15.29
N GLU A 54 24.97 15.45 -16.05
CA GLU A 54 26.32 14.91 -15.87
CA GLU A 54 26.33 14.92 -15.88
C GLU A 54 26.84 15.16 -14.46
N GLU A 55 26.56 16.34 -13.91
CA GLU A 55 26.93 16.60 -12.52
C GLU A 55 26.08 15.79 -11.55
N HIS A 56 24.77 15.71 -11.79
CA HIS A 56 23.91 14.93 -10.92
C HIS A 56 24.40 13.49 -10.82
N TYR A 57 24.78 12.91 -11.95
CA TYR A 57 25.26 11.55 -12.05
C TYR A 57 26.78 11.44 -12.05
N ALA A 58 27.46 12.35 -11.34
CA ALA A 58 28.92 12.37 -11.38
C ALA A 58 29.52 11.05 -10.97
N GLU A 59 28.87 10.31 -10.06
CA GLU A 59 29.45 9.06 -9.60
C GLU A 59 29.56 8.03 -10.72
N HIS A 60 28.78 8.19 -11.78
CA HIS A 60 28.75 7.26 -12.90
C HIS A 60 29.63 7.68 -14.06
N LYS A 61 30.46 8.71 -13.88
CA LYS A 61 31.30 9.14 -14.98
C LYS A 61 32.07 7.96 -15.56
N GLY A 62 32.07 7.89 -16.90
CA GLY A 62 32.83 6.89 -17.62
C GLY A 62 32.16 5.56 -17.77
N LYS A 63 31.01 5.34 -17.16
CA LYS A 63 30.36 4.05 -17.22
C LYS A 63 29.56 3.90 -18.51
N PRO A 64 29.48 2.70 -19.06
CA PRO A 64 28.83 2.53 -20.37
C PRO A 64 27.37 2.91 -20.40
N PHE A 65 26.67 2.83 -19.27
CA PHE A 65 25.24 3.10 -19.24
C PHE A 65 24.90 4.58 -19.06
N LEU A 66 25.91 5.42 -18.80
CA LEU A 66 25.61 6.82 -18.48
C LEU A 66 24.95 7.55 -19.64
N PRO A 67 25.40 7.43 -20.89
CA PRO A 67 24.71 8.15 -21.97
C PRO A 67 23.23 7.83 -22.07
N GLY A 68 22.84 6.55 -21.97
CA GLY A 68 21.42 6.24 -22.05
C GLY A 68 20.64 6.78 -20.88
N LEU A 69 21.25 6.77 -19.71
CA LEU A 69 20.62 7.34 -18.53
C LEU A 69 20.36 8.83 -18.73
N ILE A 70 21.37 9.55 -19.26
CA ILE A 70 21.19 10.99 -19.46
CA ILE A 70 21.21 10.99 -19.50
C ILE A 70 20.10 11.25 -20.50
N GLU A 71 19.99 10.41 -21.52
CA GLU A 71 18.91 10.60 -22.50
C GLU A 71 17.55 10.42 -21.85
N LYS A 72 17.36 9.36 -21.07
CA LYS A 72 16.06 9.14 -20.43
C LYS A 72 15.68 10.31 -19.54
N MET A 73 16.66 10.93 -18.90
CA MET A 73 16.40 11.97 -17.92
C MET A 73 16.33 13.35 -18.53
N THR A 74 16.62 13.49 -19.82
CA THR A 74 16.53 14.78 -20.49
C THR A 74 15.06 15.03 -20.77
N GLY A 75 14.47 15.95 -20.04
CA GLY A 75 13.06 16.20 -20.10
C GLY A 75 12.62 16.97 -18.87
N PRO A 76 11.31 17.27 -18.79
CA PRO A 76 10.80 17.94 -17.59
C PRO A 76 11.01 17.09 -16.35
N VAL A 77 11.38 17.75 -15.27
CA VAL A 77 11.54 17.13 -13.95
C VAL A 77 10.98 18.07 -12.90
N LEU A 78 10.56 17.51 -11.78
CA LEU A 78 10.20 18.30 -10.61
C LEU A 78 11.24 18.09 -9.52
N CYS A 79 12.01 19.14 -9.27
CA CYS A 79 13.00 19.17 -8.21
C CYS A 79 12.30 19.44 -6.89
N MET A 80 12.63 18.68 -5.85
CA MET A 80 11.95 18.82 -4.57
C MET A 80 12.94 18.63 -3.43
N VAL A 81 12.71 19.33 -2.34
CA VAL A 81 13.37 19.06 -1.06
C VAL A 81 12.28 18.81 -0.04
N PHE A 82 12.33 17.65 0.62
CA PHE A 82 11.45 17.33 1.73
C PHE A 82 12.25 17.23 3.02
N GLU A 83 11.62 17.65 4.11
CA GLU A 83 12.22 17.66 5.44
C GLU A 83 11.44 16.75 6.37
N GLY A 84 12.17 15.96 7.16
CA GLY A 84 11.54 15.14 8.18
C GLY A 84 12.58 14.32 8.91
N VAL A 85 12.12 13.61 9.93
CA VAL A 85 13.02 12.74 10.70
C VAL A 85 13.48 11.61 9.80
N ASP A 86 14.80 11.44 9.67
CA ASP A 86 15.35 10.30 8.93
C ASP A 86 14.84 10.29 7.49
N VAL A 87 14.50 11.46 6.96
CA VAL A 87 13.78 11.49 5.69
C VAL A 87 14.63 10.97 4.53
N ILE A 88 15.96 11.04 4.62
CA ILE A 88 16.77 10.54 3.51
C ILE A 88 16.55 9.03 3.35
N ALA A 89 16.80 8.27 4.41
CA ALA A 89 16.57 6.84 4.35
C ALA A 89 15.10 6.49 4.15
N GLN A 90 14.20 7.22 4.82
CA GLN A 90 12.77 6.89 4.73
C GLN A 90 12.23 7.12 3.33
N ALA A 91 12.64 8.20 2.68
CA ALA A 91 12.18 8.44 1.31
C ALA A 91 12.67 7.33 0.38
N ARG A 92 13.91 6.86 0.57
CA ARG A 92 14.40 5.74 -0.23
C ARG A 92 13.55 4.50 0.00
N LYS A 93 13.19 4.24 1.25
CA LYS A 93 12.32 3.10 1.56
C LYS A 93 10.97 3.26 0.88
N MET A 94 10.44 4.49 0.84
CA MET A 94 9.14 4.73 0.22
C MET A 94 9.20 4.58 -1.30
N MET A 95 10.33 4.94 -1.91
CA MET A 95 10.48 4.78 -3.35
CA MET A 95 10.46 4.78 -3.35
C MET A 95 10.53 3.32 -3.74
N GLY A 96 11.21 2.51 -2.93
CA GLY A 96 11.40 1.11 -3.24
C GLY A 96 12.65 0.87 -4.06
N SER A 97 12.93 -0.41 -4.28
CA SER A 97 14.11 -0.85 -5.01
CA SER A 97 14.15 -0.79 -4.98
C SER A 97 14.18 -0.19 -6.38
N THR A 98 15.41 -0.04 -6.90
CA THR A 98 15.63 0.51 -8.23
C THR A 98 14.78 -0.19 -9.28
N ARG A 99 14.72 -1.51 -9.22
CA ARG A 99 13.89 -2.29 -10.12
C ARG A 99 12.48 -2.38 -9.56
N PRO A 100 11.49 -1.79 -10.25
CA PRO A 100 10.11 -1.87 -9.74
C PRO A 100 9.66 -3.30 -9.46
N GLY A 101 10.14 -4.27 -10.25
CA GLY A 101 9.73 -5.66 -10.05
C GLY A 101 10.26 -6.27 -8.77
N GLU A 102 11.30 -5.68 -8.18
CA GLU A 102 11.82 -6.13 -6.90
C GLU A 102 11.32 -5.29 -5.73
N ALA A 103 10.67 -4.17 -6.00
CA ALA A 103 10.28 -3.24 -4.96
C ALA A 103 9.10 -3.79 -4.18
N ALA A 104 9.02 -3.40 -2.90
CA ALA A 104 7.98 -3.92 -2.02
C ALA A 104 6.62 -3.34 -2.41
N PRO A 105 5.55 -4.13 -2.34
CA PRO A 105 4.24 -3.53 -2.58
C PRO A 105 4.01 -2.38 -1.61
N GLY A 106 3.35 -1.34 -2.08
CA GLY A 106 3.16 -0.15 -1.30
C GLY A 106 4.22 0.91 -1.50
N THR A 107 5.31 0.58 -2.19
CA THR A 107 6.28 1.59 -2.55
C THR A 107 5.91 2.23 -3.88
N ILE A 108 6.49 3.40 -4.13
CA ILE A 108 6.17 4.15 -5.35
C ILE A 108 6.51 3.32 -6.58
N ARG A 109 7.72 2.76 -6.62
CA ARG A 109 8.15 2.05 -7.81
C ARG A 109 7.32 0.79 -8.04
N ALA A 110 6.99 0.05 -6.97
CA ALA A 110 6.16 -1.13 -7.14
C ALA A 110 4.75 -0.77 -7.60
N ASP A 111 4.21 0.34 -7.10
CA ASP A 111 2.82 0.67 -7.35
C ASP A 111 2.61 1.29 -8.73
N PHE A 112 3.66 1.90 -9.29
CA PHE A 112 3.52 2.68 -10.52
C PHE A 112 4.30 2.15 -11.71
N CYS A 113 5.33 1.32 -11.53
CA CYS A 113 6.33 1.13 -12.58
C CYS A 113 6.58 -0.35 -12.89
N GLN A 114 7.31 -0.57 -13.98
CA GLN A 114 7.69 -1.90 -14.46
C GLN A 114 9.19 -2.13 -14.55
N GLN A 115 9.94 -1.14 -15.00
CA GLN A 115 11.36 -1.32 -15.30
C GLN A 115 12.23 -0.24 -14.67
N ALA A 116 13.48 -0.60 -14.39
CA ALA A 116 14.41 0.32 -13.72
C ALA A 116 14.66 1.58 -14.54
N GLY A 117 14.66 1.48 -15.87
CA GLY A 117 14.92 2.67 -16.65
C GLY A 117 13.78 3.65 -16.70
N ARG A 118 12.59 3.27 -16.24
CA ARG A 118 11.46 4.19 -16.08
C ARG A 118 10.89 3.95 -14.69
N ASN A 119 11.57 4.48 -13.67
CA ASN A 119 11.18 4.22 -12.29
C ASN A 119 10.80 5.48 -11.52
N LEU A 120 10.34 6.50 -12.25
CA LEU A 120 9.49 7.61 -11.81
C LEU A 120 10.13 8.69 -10.94
N ILE A 121 11.16 8.35 -10.17
CA ILE A 121 11.57 9.24 -9.09
C ILE A 121 13.00 8.90 -8.69
N HIS A 122 13.74 9.93 -8.29
CA HIS A 122 15.07 9.83 -7.68
C HIS A 122 15.02 10.39 -6.27
N GLY A 123 15.78 9.77 -5.37
CA GLY A 123 15.99 10.34 -4.04
C GLY A 123 17.44 10.15 -3.62
N SER A 124 17.93 11.11 -2.83
CA SER A 124 19.31 11.05 -2.38
C SER A 124 19.55 9.76 -1.60
N ASP A 125 20.75 9.20 -1.76
CA ASP A 125 21.05 7.92 -1.12
C ASP A 125 21.77 8.05 0.23
N SER A 126 22.15 9.25 0.65
CA SER A 126 22.96 9.43 1.86
C SER A 126 22.95 10.91 2.24
N ALA A 127 23.41 11.21 3.45
CA ALA A 127 23.53 12.58 3.88
C ALA A 127 24.39 13.40 2.93
N GLU A 128 25.52 12.84 2.51
CA GLU A 128 26.45 13.57 1.66
C GLU A 128 25.85 13.82 0.28
N SER A 129 25.16 12.83 -0.28
CA SER A 129 24.55 13.05 -1.59
CA SER A 129 24.52 13.02 -1.58
C SER A 129 23.36 13.99 -1.50
N ALA A 130 22.62 13.98 -0.40
CA ALA A 130 21.55 14.95 -0.24
C ALA A 130 22.10 16.37 -0.23
N LYS A 131 23.19 16.61 0.50
CA LYS A 131 23.74 17.96 0.55
C LYS A 131 24.21 18.39 -0.83
N ARG A 132 24.88 17.49 -1.54
CA ARG A 132 25.41 17.84 -2.85
C ARG A 132 24.30 18.04 -3.87
N GLU A 133 23.28 17.18 -3.85
CA GLU A 133 22.20 17.28 -4.82
C GLU A 133 21.35 18.50 -4.57
N ILE A 134 21.05 18.80 -3.30
CA ILE A 134 20.29 20.01 -3.01
C ILE A 134 21.04 21.23 -3.53
N SER A 135 22.35 21.28 -3.32
CA SER A 135 23.14 22.41 -3.76
C SER A 135 23.24 22.50 -5.29
N LEU A 136 23.22 21.36 -5.98
CA LEU A 136 23.30 21.36 -7.43
C LEU A 136 22.05 21.96 -8.06
N TRP A 137 20.87 21.51 -7.59
CA TRP A 137 19.62 21.85 -8.23
C TRP A 137 18.95 23.11 -7.67
N PHE A 138 19.33 23.55 -6.48
CA PHE A 138 18.71 24.70 -5.83
C PHE A 138 19.77 25.68 -5.33
N LYS A 139 19.50 26.96 -5.50
CA LYS A 139 20.23 28.00 -4.81
C LYS A 139 19.71 28.11 -3.38
N PRO A 140 20.53 28.57 -2.43
CA PRO A 140 20.04 28.67 -1.05
C PRO A 140 18.78 29.51 -0.90
N GLU A 141 18.62 30.56 -1.70
CA GLU A 141 17.44 31.41 -1.59
C GLU A 141 16.16 30.70 -2.01
N GLU A 142 16.28 29.54 -2.64
CA GLU A 142 15.10 28.77 -3.05
C GLU A 142 14.62 27.82 -1.96
N ILE A 143 15.39 27.65 -0.89
CA ILE A 143 15.03 26.74 0.19
C ILE A 143 14.29 27.55 1.25
N GLN A 144 13.06 27.14 1.54
CA GLN A 144 12.13 27.89 2.35
C GLN A 144 12.01 27.25 3.72
N SER A 145 12.14 28.08 4.75
CA SER A 145 12.04 27.65 6.15
CA SER A 145 12.03 27.65 6.14
C SER A 145 10.72 28.13 6.72
N TYR A 146 9.91 27.19 7.22
CA TYR A 146 8.69 27.48 7.93
C TYR A 146 8.38 26.24 8.76
N LYS A 147 7.48 26.41 9.73
CA LYS A 147 7.11 25.33 10.64
C LYS A 147 5.69 24.85 10.33
N LEU A 148 5.54 23.54 10.23
CA LEU A 148 4.21 22.95 10.04
C LEU A 148 3.36 23.16 11.28
N ALA A 149 2.12 23.59 11.07
CA ALA A 149 1.21 23.87 12.17
C ALA A 149 0.90 22.62 13.01
N LEU A 150 0.94 21.42 12.41
CA LEU A 150 0.69 20.19 13.13
C LEU A 150 1.96 19.57 13.73
N SER A 151 3.03 20.35 13.86
CA SER A 151 4.31 19.81 14.34
CA SER A 151 4.30 19.80 14.34
C SER A 151 4.16 19.06 15.67
N ASP A 152 3.35 19.59 16.59
CA ASP A 152 3.20 18.95 17.90
C ASP A 152 2.62 17.55 17.80
N TYR A 153 1.93 17.24 16.71
CA TYR A 153 1.30 15.95 16.52
C TYR A 153 2.07 15.06 15.54
N ILE A 154 3.15 15.57 14.96
CA ILE A 154 3.99 14.80 14.06
C ILE A 154 5.28 14.34 14.74
N PHE A 155 5.87 15.22 15.55
CA PHE A 155 7.17 14.98 16.19
C PHE A 155 6.97 14.71 17.67
N GLU A 156 7.74 13.75 18.19
CA GLU A 156 7.91 13.51 19.63
C GLU A 156 8.35 14.73 20.40
N HIS B 8 10.46 -7.09 -23.73
CA HIS B 8 9.68 -8.32 -23.86
C HIS B 8 8.55 -8.34 -22.84
N VAL B 9 7.33 -8.16 -23.30
CA VAL B 9 6.18 -8.24 -22.42
C VAL B 9 5.58 -9.65 -22.50
N GLU B 10 4.77 -9.98 -21.50
CA GLU B 10 4.01 -11.21 -21.53
C GLU B 10 2.56 -10.89 -21.14
N GLN B 11 1.72 -11.91 -21.17
CA GLN B 11 0.31 -11.79 -20.83
C GLN B 11 -0.07 -12.80 -19.75
N THR B 12 -0.93 -12.38 -18.83
CA THR B 12 -1.41 -13.25 -17.78
C THR B 12 -2.93 -13.17 -17.71
N TYR B 13 -3.52 -14.28 -17.25
CA TYR B 13 -4.96 -14.35 -17.01
C TYR B 13 -5.25 -13.95 -15.56
N LEU B 14 -6.06 -12.92 -15.38
CA LEU B 14 -6.52 -12.47 -14.08
C LEU B 14 -8.05 -12.54 -14.08
N MET B 15 -8.62 -13.02 -12.99
CA MET B 15 -10.07 -13.20 -12.89
C MET B 15 -10.54 -12.64 -11.57
N ILE B 16 -11.42 -11.66 -11.61
CA ILE B 16 -12.08 -11.19 -10.41
C ILE B 16 -13.19 -12.18 -10.07
N LYS B 17 -13.13 -12.71 -8.85
CA LYS B 17 -14.03 -13.75 -8.39
C LYS B 17 -15.36 -13.13 -7.94
N PRO B 18 -16.37 -13.95 -7.66
CA PRO B 18 -17.68 -13.36 -7.33
C PRO B 18 -17.64 -12.43 -6.13
N ASP B 19 -16.73 -12.65 -5.18
CA ASP B 19 -16.64 -11.73 -4.04
C ASP B 19 -16.18 -10.33 -4.48
N GLY B 20 -15.28 -10.25 -5.47
CA GLY B 20 -14.89 -8.96 -6.00
C GLY B 20 -16.03 -8.24 -6.68
N ILE B 21 -16.86 -8.99 -7.43
CA ILE B 21 -18.05 -8.41 -8.06
C ILE B 21 -19.02 -7.92 -7.00
N GLN B 22 -19.34 -8.79 -6.03
CA GLN B 22 -20.41 -8.51 -5.08
C GLN B 22 -20.01 -7.42 -4.09
N ARG B 23 -18.74 -7.34 -3.76
CA ARG B 23 -18.27 -6.29 -2.88
C ARG B 23 -18.04 -4.99 -3.65
N GLN B 24 -18.19 -5.04 -4.96
CA GLN B 24 -18.19 -3.84 -5.82
C GLN B 24 -16.87 -3.10 -5.76
N VAL B 25 -15.79 -3.86 -5.89
CA VAL B 25 -14.42 -3.36 -5.94
C VAL B 25 -13.76 -3.65 -7.30
N VAL B 26 -14.56 -3.90 -8.34
CA VAL B 26 -13.99 -4.20 -9.66
C VAL B 26 -13.10 -3.06 -10.13
N GLY B 27 -13.61 -1.83 -10.10
CA GLY B 27 -12.83 -0.71 -10.59
C GLY B 27 -11.54 -0.52 -9.82
N GLU B 28 -11.57 -0.70 -8.50
CA GLU B 28 -10.36 -0.53 -7.71
C GLU B 28 -9.33 -1.57 -8.09
N ILE B 29 -9.77 -2.80 -8.35
CA ILE B 29 -8.84 -3.85 -8.76
C ILE B 29 -8.19 -3.48 -10.08
N ILE B 30 -9.02 -3.12 -11.08
CA ILE B 30 -8.49 -2.78 -12.39
C ILE B 30 -7.52 -1.60 -12.28
N SER B 31 -7.85 -0.62 -11.45
CA SER B 31 -6.98 0.54 -11.30
C SER B 31 -5.59 0.17 -10.81
N ARG B 32 -5.48 -0.83 -9.94
CA ARG B 32 -4.15 -1.20 -9.46
C ARG B 32 -3.26 -1.70 -10.59
N PHE B 33 -3.84 -2.44 -11.54
CA PHE B 33 -3.04 -2.92 -12.66
C PHE B 33 -2.77 -1.83 -13.69
N GLU B 34 -3.77 -1.01 -14.00
CA GLU B 34 -3.54 0.12 -14.89
C GLU B 34 -2.47 1.06 -14.35
N LYS B 35 -2.35 1.16 -13.01
CA LYS B 35 -1.44 2.14 -12.41
C LYS B 35 0.01 1.86 -12.78
N ARG B 36 0.33 0.59 -13.07
CA ARG B 36 1.68 0.21 -13.47
C ARG B 36 1.90 0.27 -14.96
N GLY B 37 0.91 0.74 -15.73
CA GLY B 37 1.03 0.74 -17.16
C GLY B 37 0.82 -0.60 -17.79
N TYR B 38 0.17 -1.53 -17.07
CA TYR B 38 -0.21 -2.78 -17.71
C TYR B 38 -1.39 -2.53 -18.65
N ARG B 39 -1.36 -3.19 -19.80
CA ARG B 39 -2.37 -2.99 -20.83
C ARG B 39 -3.47 -4.02 -20.69
N ILE B 40 -4.73 -3.55 -20.75
CA ILE B 40 -5.87 -4.45 -20.81
C ILE B 40 -5.93 -5.02 -22.22
N ALA B 41 -5.59 -6.30 -22.37
CA ALA B 41 -5.68 -6.97 -23.66
C ALA B 41 -7.00 -7.70 -23.85
N ALA B 42 -7.71 -8.03 -22.77
CA ALA B 42 -9.00 -8.68 -22.89
C ALA B 42 -9.75 -8.45 -21.58
N MET B 43 -11.08 -8.40 -21.68
CA MET B 43 -11.91 -8.21 -20.51
C MET B 43 -13.30 -8.66 -20.89
N LYS B 44 -13.90 -9.50 -20.06
CA LYS B 44 -15.24 -10.02 -20.31
C LYS B 44 -15.89 -10.36 -18.99
N LEU B 45 -17.11 -9.89 -18.77
CA LEU B 45 -17.92 -10.37 -17.64
C LEU B 45 -18.70 -11.61 -18.08
N THR B 46 -18.63 -12.65 -17.26
CA THR B 46 -19.45 -13.82 -17.51
C THR B 46 -19.93 -14.33 -16.16
N ILE B 47 -20.75 -15.39 -16.18
CA ILE B 47 -21.07 -16.13 -14.97
C ILE B 47 -20.37 -17.49 -15.08
N ALA B 48 -19.48 -17.74 -14.14
CA ALA B 48 -18.78 -19.01 -14.12
C ALA B 48 -19.73 -20.13 -13.75
N THR B 49 -19.61 -21.24 -14.45
CA THR B 49 -20.44 -22.42 -14.23
C THR B 49 -19.59 -23.59 -13.78
N PRO B 50 -20.20 -24.60 -13.16
CA PRO B 50 -19.41 -25.77 -12.72
C PRO B 50 -18.58 -26.40 -13.82
N ALA B 51 -19.09 -26.52 -15.05
CA ALA B 51 -18.32 -27.23 -16.07
C ALA B 51 -17.05 -26.48 -16.42
N ILE B 52 -17.10 -25.15 -16.50
CA ILE B 52 -15.89 -24.43 -16.83
CA ILE B 52 -15.92 -24.37 -16.81
C ILE B 52 -14.96 -24.38 -15.62
N LEU B 53 -15.52 -24.28 -14.42
CA LEU B 53 -14.69 -24.26 -13.22
C LEU B 53 -14.00 -25.58 -13.00
N GLU B 54 -14.62 -26.70 -13.39
CA GLU B 54 -13.93 -27.99 -13.28
CA GLU B 54 -13.94 -27.99 -13.27
C GLU B 54 -12.67 -28.02 -14.12
N GLU B 55 -12.74 -27.45 -15.33
CA GLU B 55 -11.55 -27.38 -16.17
C GLU B 55 -10.53 -26.40 -15.60
N HIS B 56 -11.00 -25.26 -15.12
CA HIS B 56 -10.08 -24.28 -14.53
C HIS B 56 -9.31 -24.89 -13.39
N TYR B 57 -10.00 -25.65 -12.54
CA TYR B 57 -9.41 -26.30 -11.37
C TYR B 57 -9.11 -27.76 -11.60
N ALA B 58 -8.77 -28.13 -12.84
CA ALA B 58 -8.53 -29.53 -13.15
C ALA B 58 -7.47 -30.16 -12.25
N GLU B 59 -6.47 -29.38 -11.84
CA GLU B 59 -5.43 -29.95 -10.99
C GLU B 59 -5.99 -30.44 -9.66
N HIS B 60 -7.13 -29.91 -9.22
CA HIS B 60 -7.71 -30.25 -7.92
C HIS B 60 -8.83 -31.26 -8.01
N LYS B 61 -9.06 -31.86 -9.18
CA LYS B 61 -10.14 -32.82 -9.35
C LYS B 61 -10.04 -33.91 -8.30
N GLY B 62 -11.16 -34.17 -7.61
CA GLY B 62 -11.23 -35.21 -6.61
C GLY B 62 -10.84 -34.79 -5.20
N LYS B 63 -10.30 -33.59 -5.01
CA LYS B 63 -9.93 -33.19 -3.67
C LYS B 63 -11.16 -32.77 -2.88
N PRO B 64 -11.17 -33.00 -1.56
CA PRO B 64 -12.40 -32.76 -0.79
C PRO B 64 -12.85 -31.31 -0.77
N PHE B 65 -11.93 -30.36 -0.92
CA PHE B 65 -12.33 -28.96 -0.90
C PHE B 65 -12.94 -28.49 -2.21
N LEU B 66 -12.77 -29.25 -3.28
CA LEU B 66 -13.18 -28.75 -4.60
C LEU B 66 -14.66 -28.44 -4.69
N PRO B 67 -15.59 -29.30 -4.24
CA PRO B 67 -17.01 -28.96 -4.40
C PRO B 67 -17.37 -27.62 -3.78
N GLY B 68 -16.87 -27.32 -2.58
CA GLY B 68 -17.17 -26.04 -1.97
C GLY B 68 -16.52 -24.87 -2.68
N LEU B 69 -15.33 -25.08 -3.21
CA LEU B 69 -14.66 -24.06 -4.02
C LEU B 69 -15.47 -23.75 -5.27
N ILE B 70 -16.00 -24.80 -5.92
CA ILE B 70 -16.80 -24.54 -7.12
CA ILE B 70 -16.82 -24.58 -7.12
C ILE B 70 -18.07 -23.78 -6.76
N GLU B 71 -18.68 -24.11 -5.62
CA GLU B 71 -19.87 -23.37 -5.20
C GLU B 71 -19.57 -21.90 -4.98
N LYS B 72 -18.46 -21.59 -4.30
CA LYS B 72 -18.13 -20.19 -4.07
CA LYS B 72 -18.10 -20.20 -4.06
C LYS B 72 -17.86 -19.46 -5.38
N MET B 73 -17.30 -20.15 -6.36
CA MET B 73 -16.92 -19.55 -7.63
C MET B 73 -18.04 -19.54 -8.66
N THR B 74 -19.18 -20.20 -8.41
CA THR B 74 -20.32 -20.17 -9.33
C THR B 74 -21.04 -18.85 -9.12
N GLY B 75 -20.81 -17.93 -10.03
CA GLY B 75 -21.29 -16.57 -9.89
C GLY B 75 -20.64 -15.70 -10.93
N PRO B 76 -20.99 -14.42 -10.94
CA PRO B 76 -20.33 -13.49 -11.87
C PRO B 76 -18.83 -13.43 -11.59
N VAL B 77 -18.05 -13.40 -12.67
CA VAL B 77 -16.62 -13.15 -12.61
C VAL B 77 -16.24 -12.21 -13.74
N LEU B 78 -15.13 -11.49 -13.56
CA LEU B 78 -14.57 -10.65 -14.62
C LEU B 78 -13.29 -11.31 -15.11
N CYS B 79 -13.34 -11.85 -16.32
CA CYS B 79 -12.19 -12.42 -16.98
C CYS B 79 -11.36 -11.29 -17.57
N MET B 80 -10.03 -11.36 -17.38
CA MET B 80 -9.15 -10.29 -17.82
C MET B 80 -7.84 -10.88 -18.33
N VAL B 81 -7.27 -10.22 -19.33
CA VAL B 81 -5.87 -10.45 -19.71
C VAL B 81 -5.14 -9.12 -19.60
N PHE B 82 -4.07 -9.10 -18.83
CA PHE B 82 -3.20 -7.94 -18.73
C PHE B 82 -1.84 -8.26 -19.33
N GLU B 83 -1.23 -7.25 -19.94
CA GLU B 83 0.07 -7.39 -20.59
C GLU B 83 1.08 -6.45 -19.95
N GLY B 84 2.29 -6.93 -19.71
CA GLY B 84 3.35 -6.09 -19.19
C GLY B 84 4.63 -6.90 -19.04
N VAL B 85 5.70 -6.20 -18.69
CA VAL B 85 6.96 -6.90 -18.38
C VAL B 85 6.76 -7.77 -17.15
N ASP B 86 7.09 -9.06 -17.27
CA ASP B 86 7.10 -9.97 -16.12
C ASP B 86 5.72 -9.99 -15.44
N VAL B 87 4.66 -9.73 -16.21
CA VAL B 87 3.37 -9.50 -15.58
C VAL B 87 2.82 -10.74 -14.90
N ILE B 88 3.20 -11.95 -15.32
CA ILE B 88 2.67 -13.14 -14.65
C ILE B 88 3.13 -13.14 -13.19
N ALA B 89 4.45 -13.10 -12.96
CA ALA B 89 4.95 -13.06 -11.61
C ALA B 89 4.54 -11.79 -10.88
N GLN B 90 4.55 -10.65 -11.58
CA GLN B 90 4.25 -9.38 -10.90
C GLN B 90 2.81 -9.33 -10.44
N ALA B 91 1.87 -9.84 -11.26
CA ALA B 91 0.48 -9.86 -10.83
C ALA B 91 0.31 -10.75 -9.61
N ARG B 92 1.00 -11.90 -9.56
CA ARG B 92 0.95 -12.74 -8.36
C ARG B 92 1.45 -12.00 -7.14
N LYS B 93 2.54 -11.26 -7.29
CA LYS B 93 3.08 -10.48 -6.18
C LYS B 93 2.08 -9.42 -5.72
N MET B 94 1.39 -8.79 -6.67
CA MET B 94 0.43 -7.74 -6.34
C MET B 94 -0.79 -8.29 -5.65
N MET B 95 -1.21 -9.51 -6.02
CA MET B 95 -2.32 -10.15 -5.34
CA MET B 95 -2.33 -10.16 -5.34
C MET B 95 -1.95 -10.54 -3.92
N GLY B 96 -0.73 -11.00 -3.72
CA GLY B 96 -0.31 -11.49 -2.43
C GLY B 96 -0.66 -12.94 -2.22
N SER B 97 -0.20 -13.45 -1.08
CA SER B 97 -0.42 -14.84 -0.71
CA SER B 97 -0.42 -14.85 -0.73
C SER B 97 -1.89 -15.21 -0.85
N THR B 98 -2.13 -16.47 -1.24
CA THR B 98 -3.48 -17.01 -1.32
C THR B 98 -4.23 -16.84 -0.01
N ARG B 99 -3.55 -16.99 1.12
CA ARG B 99 -4.15 -16.77 2.42
C ARG B 99 -3.96 -15.32 2.80
N PRO B 100 -5.04 -14.52 2.86
CA PRO B 100 -4.85 -13.07 3.06
C PRO B 100 -4.11 -12.71 4.34
N GLY B 101 -4.25 -13.50 5.40
CA GLY B 101 -3.53 -13.23 6.64
C GLY B 101 -2.03 -13.30 6.51
N GLU B 102 -1.54 -14.00 5.49
CA GLU B 102 -0.12 -14.15 5.21
C GLU B 102 0.37 -13.14 4.19
N ALA B 103 -0.54 -12.46 3.51
CA ALA B 103 -0.19 -11.58 2.41
C ALA B 103 0.41 -10.27 2.94
N ALA B 104 1.31 -9.71 2.14
CA ALA B 104 2.04 -8.53 2.56
C ALA B 104 1.15 -7.30 2.53
N PRO B 105 1.33 -6.37 3.45
CA PRO B 105 0.58 -5.12 3.36
C PRO B 105 0.80 -4.49 2.00
N GLY B 106 -0.25 -3.90 1.45
CA GLY B 106 -0.19 -3.32 0.12
C GLY B 106 -0.57 -4.24 -1.00
N THR B 107 -0.73 -5.53 -0.74
CA THR B 107 -1.24 -6.44 -1.75
C THR B 107 -2.77 -6.46 -1.73
N ILE B 108 -3.36 -6.92 -2.82
CA ILE B 108 -4.82 -6.96 -2.93
C ILE B 108 -5.42 -7.79 -1.79
N ARG B 109 -4.89 -8.99 -1.60
CA ARG B 109 -5.52 -9.87 -0.61
C ARG B 109 -5.35 -9.33 0.81
N ALA B 110 -4.19 -8.76 1.13
CA ALA B 110 -4.03 -8.19 2.46
C ALA B 110 -4.90 -6.96 2.66
N ASP B 111 -5.12 -6.18 1.60
CA ASP B 111 -5.85 -4.94 1.72
C ASP B 111 -7.36 -5.13 1.74
N PHE B 112 -7.85 -6.22 1.14
CA PHE B 112 -9.28 -6.43 0.96
C PHE B 112 -9.89 -7.63 1.67
N CYS B 113 -9.10 -8.64 2.08
CA CYS B 113 -9.66 -9.96 2.36
C CYS B 113 -9.21 -10.51 3.71
N GLN B 114 -9.88 -11.58 4.12
CA GLN B 114 -9.63 -12.25 5.40
C GLN B 114 -9.22 -13.71 5.24
N GLN B 115 -9.86 -14.45 4.34
CA GLN B 115 -9.69 -15.88 4.24
C GLN B 115 -9.47 -16.32 2.81
N ALA B 116 -8.72 -17.42 2.65
CA ALA B 116 -8.37 -17.91 1.32
C ALA B 116 -9.59 -18.25 0.47
N GLY B 117 -10.66 -18.75 1.10
CA GLY B 117 -11.84 -19.12 0.32
C GLY B 117 -12.58 -17.94 -0.29
N ARG B 118 -12.30 -16.73 0.19
CA ARG B 118 -12.85 -15.51 -0.41
C ARG B 118 -11.69 -14.51 -0.55
N ASN B 119 -10.87 -14.71 -1.58
CA ASN B 119 -9.64 -13.94 -1.74
C ASN B 119 -9.62 -13.14 -3.04
N LEU B 120 -10.81 -12.81 -3.55
CA LEU B 120 -11.13 -11.73 -4.48
C LEU B 120 -10.71 -11.89 -5.93
N ILE B 121 -9.65 -12.65 -6.19
CA ILE B 121 -9.01 -12.57 -7.49
C ILE B 121 -8.16 -13.81 -7.68
N HIS B 122 -8.00 -14.21 -8.93
CA HIS B 122 -7.09 -15.26 -9.35
C HIS B 122 -6.13 -14.71 -10.39
N GLY B 123 -4.88 -15.19 -10.38
CA GLY B 123 -3.94 -14.90 -11.44
C GLY B 123 -3.15 -16.15 -11.79
N SER B 124 -2.81 -16.27 -13.08
CA SER B 124 -2.05 -17.41 -13.55
C SER B 124 -0.74 -17.53 -12.78
N ASP B 125 -0.35 -18.76 -12.48
CA ASP B 125 0.87 -18.96 -11.70
C ASP B 125 2.12 -19.21 -12.55
N SER B 126 1.99 -19.28 -13.87
CA SER B 126 3.13 -19.60 -14.74
C SER B 126 2.73 -19.29 -16.17
N ALA B 127 3.73 -19.31 -17.06
CA ALA B 127 3.46 -19.10 -18.48
C ALA B 127 2.57 -20.21 -19.04
N GLU B 128 2.82 -21.47 -18.64
CA GLU B 128 1.99 -22.57 -19.11
C GLU B 128 0.55 -22.42 -18.65
N SER B 129 0.35 -22.04 -17.38
CA SER B 129 -1.02 -21.88 -16.91
CA SER B 129 -1.01 -21.85 -16.86
C SER B 129 -1.69 -20.65 -17.51
N ALA B 130 -0.94 -19.58 -17.78
CA ALA B 130 -1.52 -18.43 -18.45
C ALA B 130 -2.04 -18.80 -19.83
N LYS B 131 -1.26 -19.56 -20.62
CA LYS B 131 -1.73 -19.98 -21.93
C LYS B 131 -3.00 -20.83 -21.80
N ARG B 132 -2.98 -21.77 -20.86
CA ARG B 132 -4.12 -22.67 -20.70
CA ARG B 132 -4.12 -22.67 -20.68
C ARG B 132 -5.37 -21.92 -20.23
N GLU B 133 -5.20 -21.00 -19.27
CA GLU B 133 -6.35 -20.28 -18.72
C GLU B 133 -6.91 -19.29 -19.73
N ILE B 134 -6.04 -18.59 -20.46
CA ILE B 134 -6.52 -17.65 -21.47
C ILE B 134 -7.32 -18.39 -22.54
N SER B 135 -6.85 -19.58 -22.96
CA SER B 135 -7.57 -20.39 -23.93
C SER B 135 -8.89 -20.91 -23.38
N LEU B 136 -8.94 -21.22 -22.09
CA LEU B 136 -10.18 -21.74 -21.51
C LEU B 136 -11.25 -20.67 -21.45
N TRP B 137 -10.90 -19.47 -20.97
CA TRP B 137 -11.88 -18.46 -20.62
C TRP B 137 -12.18 -17.47 -21.74
N PHE B 138 -11.30 -17.36 -22.74
CA PHE B 138 -11.46 -16.42 -23.84
C PHE B 138 -11.38 -17.15 -25.17
N LYS B 139 -12.13 -16.64 -26.16
CA LYS B 139 -11.85 -16.97 -27.55
C LYS B 139 -10.71 -16.07 -28.03
N PRO B 140 -9.88 -16.53 -28.96
CA PRO B 140 -8.81 -15.66 -29.46
C PRO B 140 -9.33 -14.34 -30.01
N GLU B 141 -10.55 -14.32 -30.55
CA GLU B 141 -11.13 -13.08 -31.04
C GLU B 141 -11.19 -12.01 -29.97
N GLU B 142 -11.29 -12.42 -28.71
CA GLU B 142 -11.49 -11.50 -27.61
C GLU B 142 -10.20 -10.89 -27.09
N ILE B 143 -9.04 -11.33 -27.57
CA ILE B 143 -7.77 -10.73 -27.20
C ILE B 143 -7.46 -9.63 -28.20
N GLN B 144 -7.29 -8.40 -27.71
CA GLN B 144 -7.15 -7.23 -28.55
C GLN B 144 -5.70 -6.76 -28.59
N SER B 145 -5.23 -6.42 -29.79
CA SER B 145 -3.88 -5.91 -29.99
CA SER B 145 -3.87 -5.92 -30.01
C SER B 145 -3.93 -4.41 -30.24
N TYR B 146 -3.27 -3.64 -29.36
CA TYR B 146 -3.07 -2.21 -29.53
C TYR B 146 -1.88 -1.81 -28.65
N LYS B 147 -1.38 -0.59 -28.85
CA LYS B 147 -0.19 -0.11 -28.16
C LYS B 147 -0.56 1.06 -27.26
N LEU B 148 -0.06 1.03 -26.02
CA LEU B 148 -0.28 2.15 -25.12
C LEU B 148 0.51 3.37 -25.56
N ALA B 149 -0.15 4.53 -25.59
CA ALA B 149 0.47 5.77 -26.03
C ALA B 149 1.57 6.23 -25.08
N LEU B 150 1.55 5.82 -23.81
CA LEU B 150 2.59 6.19 -22.86
C LEU B 150 3.75 5.20 -22.83
N SER B 151 3.84 4.33 -23.83
CA SER B 151 4.85 3.28 -23.83
CA SER B 151 4.86 3.29 -23.84
C SER B 151 6.26 3.82 -23.61
N ASP B 152 6.59 4.98 -24.23
CA ASP B 152 7.97 5.49 -24.12
C ASP B 152 8.34 5.83 -22.69
N TYR B 153 7.35 6.05 -21.83
CA TYR B 153 7.56 6.40 -20.43
C TYR B 153 7.27 5.26 -19.48
N ILE B 154 6.81 4.11 -19.97
CA ILE B 154 6.59 2.93 -19.16
C ILE B 154 7.73 1.92 -19.32
N PHE B 155 8.22 1.77 -20.54
CA PHE B 155 9.22 0.77 -20.89
C PHE B 155 10.58 1.43 -21.16
N GLU B 156 11.63 0.73 -20.74
CA GLU B 156 13.02 1.05 -21.07
C GLU B 156 13.32 1.03 -22.54
N HIS C 8 -14.89 -18.52 12.70
CA HIS C 8 -14.55 -18.02 14.02
C HIS C 8 -13.91 -16.63 13.95
N VAL C 9 -14.64 -15.62 14.37
CA VAL C 9 -14.10 -14.26 14.42
C VAL C 9 -13.70 -13.91 15.84
N GLU C 10 -12.91 -12.85 15.98
CA GLU C 10 -12.58 -12.29 17.28
C GLU C 10 -12.72 -10.78 17.19
N GLN C 11 -12.52 -10.11 18.31
CA GLN C 11 -12.64 -8.66 18.42
C GLN C 11 -11.37 -8.08 19.01
N THR C 12 -10.96 -6.94 18.47
CA THR C 12 -9.78 -6.23 18.95
C THR C 12 -10.16 -4.80 19.29
N TYR C 13 -9.41 -4.22 20.23
CA TYR C 13 -9.57 -2.83 20.60
C TYR C 13 -8.56 -1.98 19.83
N LEU C 14 -9.07 -1.03 19.06
CA LEU C 14 -8.27 -0.10 18.30
C LEU C 14 -8.64 1.31 18.73
N MET C 15 -7.63 2.15 18.94
CA MET C 15 -7.86 3.51 19.43
C MET C 15 -7.06 4.47 18.58
N ILE C 16 -7.75 5.44 17.99
CA ILE C 16 -7.07 6.52 17.28
C ILE C 16 -6.62 7.52 18.32
N LYS C 17 -5.33 7.80 18.33
CA LYS C 17 -4.72 8.66 19.34
C LYS C 17 -4.95 10.13 18.96
N PRO C 18 -4.60 11.06 19.85
CA PRO C 18 -4.90 12.48 19.57
C PRO C 18 -4.29 12.99 18.29
N ASP C 19 -3.13 12.46 17.87
CA ASP C 19 -2.56 12.87 16.60
C ASP C 19 -3.42 12.44 15.41
N GLY C 20 -4.07 11.28 15.50
CA GLY C 20 -4.99 10.90 14.43
C GLY C 20 -6.18 11.83 14.35
N ILE C 21 -6.68 12.25 15.50
CA ILE C 21 -7.82 13.17 15.51
C ILE C 21 -7.41 14.51 14.94
N GLN C 22 -6.27 15.05 15.43
CA GLN C 22 -5.88 16.41 15.07
C GLN C 22 -5.41 16.51 13.63
N ARG C 23 -4.77 15.47 13.11
CA ARG C 23 -4.39 15.44 11.70
C ARG C 23 -5.57 15.11 10.79
N GLN C 24 -6.71 14.79 11.39
CA GLN C 24 -7.98 14.62 10.67
C GLN C 24 -7.91 13.52 9.63
N VAL C 25 -7.44 12.36 10.08
CA VAL C 25 -7.32 11.15 9.28
C VAL C 25 -8.18 10.01 9.85
N VAL C 26 -9.17 10.35 10.69
CA VAL C 26 -10.03 9.34 11.29
C VAL C 26 -10.71 8.50 10.23
N GLY C 27 -11.30 9.15 9.24
CA GLY C 27 -12.01 8.42 8.21
C GLY C 27 -11.11 7.51 7.41
N GLU C 28 -9.90 7.99 7.07
CA GLU C 28 -8.97 7.16 6.33
C GLU C 28 -8.60 5.91 7.13
N ILE C 29 -8.41 6.06 8.45
CA ILE C 29 -8.07 4.92 9.30
C ILE C 29 -9.20 3.92 9.31
N ILE C 30 -10.43 4.40 9.51
CA ILE C 30 -11.58 3.52 9.55
C ILE C 30 -11.73 2.79 8.22
N SER C 31 -11.56 3.51 7.11
CA SER C 31 -11.69 2.90 5.79
C SER C 31 -10.72 1.73 5.59
N ARG C 32 -9.51 1.79 6.17
CA ARG C 32 -8.57 0.69 5.99
C ARG C 32 -9.10 -0.61 6.60
N PHE C 33 -9.76 -0.52 7.76
CA PHE C 33 -10.29 -1.71 8.38
C PHE C 33 -11.59 -2.16 7.72
N GLU C 34 -12.47 -1.23 7.36
CA GLU C 34 -13.67 -1.60 6.64
C GLU C 34 -13.34 -2.29 5.33
N LYS C 35 -12.21 -1.92 4.72
CA LYS C 35 -11.87 -2.46 3.40
C LYS C 35 -11.70 -3.97 3.43
N ARG C 36 -11.29 -4.53 4.56
CA ARG C 36 -11.11 -5.97 4.68
C ARG C 36 -12.37 -6.68 5.11
N GLY C 37 -13.48 -5.97 5.21
CA GLY C 37 -14.69 -6.58 5.71
C GLY C 37 -14.73 -6.74 7.21
N TYR C 38 -13.88 -6.01 7.94
CA TYR C 38 -13.97 -6.00 9.38
C TYR C 38 -15.17 -5.17 9.81
N ARG C 39 -15.84 -5.64 10.86
CA ARG C 39 -17.11 -5.09 11.29
C ARG C 39 -16.89 -4.14 12.47
N ILE C 40 -17.45 -2.94 12.37
CA ILE C 40 -17.41 -2.01 13.50
C ILE C 40 -18.38 -2.52 14.56
N ALA C 41 -17.84 -3.00 15.68
CA ALA C 41 -18.67 -3.47 16.79
C ALA C 41 -18.86 -2.41 17.87
N ALA C 42 -17.98 -1.41 17.94
CA ALA C 42 -18.17 -0.34 18.91
C ALA C 42 -17.34 0.84 18.46
N MET C 43 -17.80 2.04 18.83
CA MET C 43 -17.08 3.26 18.46
C MET C 43 -17.55 4.37 19.39
N LYS C 44 -16.59 5.16 19.89
CA LYS C 44 -16.89 6.24 20.84
C LYS C 44 -15.76 7.25 20.80
N LEU C 45 -16.10 8.53 20.61
CA LEU C 45 -15.15 9.61 20.82
C LEU C 45 -15.18 10.01 22.29
N THR C 46 -14.00 10.12 22.91
CA THR C 46 -13.92 10.59 24.28
C THR C 46 -12.65 11.41 24.40
N ILE C 47 -12.47 12.05 25.55
CA ILE C 47 -11.19 12.65 25.91
C ILE C 47 -10.57 11.77 26.97
N ALA C 48 -9.44 11.16 26.65
CA ALA C 48 -8.79 10.24 27.58
C ALA C 48 -8.29 10.99 28.79
N THR C 49 -8.45 10.37 29.97
CA THR C 49 -8.02 10.94 31.23
C THR C 49 -6.79 10.20 31.75
N PRO C 50 -5.98 10.85 32.57
CA PRO C 50 -4.85 10.13 33.17
C PRO C 50 -5.28 8.87 33.91
N ALA C 51 -6.44 8.89 34.58
CA ALA C 51 -6.84 7.73 35.37
C ALA C 51 -7.09 6.51 34.49
N ILE C 52 -7.78 6.69 33.37
CA ILE C 52 -8.00 5.56 32.48
C ILE C 52 -6.71 5.17 31.77
N LEU C 53 -5.88 6.16 31.44
CA LEU C 53 -4.63 5.86 30.73
C LEU C 53 -3.66 5.09 31.63
N GLU C 54 -3.66 5.36 32.93
CA GLU C 54 -2.82 4.61 33.85
C GLU C 54 -3.19 3.13 33.82
N GLU C 55 -4.49 2.83 33.75
CA GLU C 55 -4.90 1.44 33.67
CA GLU C 55 -4.94 1.45 33.66
C GLU C 55 -4.65 0.85 32.29
N HIS C 56 -4.87 1.65 31.24
CA HIS C 56 -4.59 1.19 29.88
C HIS C 56 -3.13 0.79 29.75
N TYR C 57 -2.23 1.60 30.31
CA TYR C 57 -0.80 1.38 30.28
C TYR C 57 -0.28 0.74 31.57
N ALA C 58 -1.09 -0.09 32.23
CA ALA C 58 -0.69 -0.70 33.49
C ALA C 58 0.60 -1.47 33.36
N GLU C 59 0.87 -2.05 32.19
CA GLU C 59 2.10 -2.82 32.01
C GLU C 59 3.35 -1.97 32.22
N HIS C 60 3.24 -0.66 32.03
CA HIS C 60 4.37 0.24 32.11
C HIS C 60 4.46 0.98 33.45
N LYS C 61 3.67 0.59 34.43
CA LYS C 61 3.72 1.24 35.73
C LYS C 61 5.15 1.32 36.23
N GLY C 62 5.53 2.50 36.72
CA GLY C 62 6.85 2.69 37.28
C GLY C 62 7.96 2.92 36.28
N LYS C 63 7.65 2.94 34.95
CA LYS C 63 8.74 3.17 34.01
C LYS C 63 8.94 4.66 33.78
N PRO C 64 10.17 5.08 33.49
CA PRO C 64 10.44 6.52 33.33
C PRO C 64 9.67 7.19 32.21
N PHE C 65 9.32 6.48 31.14
CA PHE C 65 8.61 7.10 30.03
C PHE C 65 7.11 7.18 30.23
N LEU C 66 6.57 6.57 31.27
CA LEU C 66 5.11 6.55 31.41
C LEU C 66 4.52 7.93 31.54
N PRO C 67 5.03 8.82 32.40
CA PRO C 67 4.37 10.13 32.54
C PRO C 67 4.25 10.88 31.22
N GLY C 68 5.29 10.87 30.39
CA GLY C 68 5.21 11.56 29.11
C GLY C 68 4.28 10.87 28.15
N LEU C 69 4.21 9.54 28.20
CA LEU C 69 3.25 8.81 27.39
C LEU C 69 1.82 9.17 27.75
N ILE C 70 1.51 9.25 29.05
CA ILE C 70 0.17 9.63 29.47
CA ILE C 70 0.18 9.64 29.48
C ILE C 70 -0.14 11.05 29.00
N GLU C 71 0.82 11.97 29.12
CA GLU C 71 0.60 13.35 28.70
C GLU C 71 0.26 13.44 27.22
N LYS C 72 1.03 12.75 26.37
CA LYS C 72 0.75 12.74 24.94
C LYS C 72 -0.65 12.20 24.63
N MET C 73 -1.14 11.28 25.45
CA MET C 73 -2.41 10.61 25.21
C MET C 73 -3.60 11.30 25.87
N THR C 74 -3.35 12.32 26.68
CA THR C 74 -4.44 13.05 27.35
C THR C 74 -5.00 14.05 26.35
N GLY C 75 -6.02 13.63 25.63
CA GLY C 75 -6.61 14.41 24.57
C GLY C 75 -7.72 13.60 23.94
N PRO C 76 -8.31 14.11 22.85
CA PRO C 76 -9.37 13.35 22.17
C PRO C 76 -8.82 12.07 21.57
N VAL C 77 -9.60 10.99 21.70
CA VAL C 77 -9.28 9.69 21.12
C VAL C 77 -10.58 9.09 20.60
N LEU C 78 -10.46 8.25 19.56
CA LEU C 78 -11.59 7.46 19.08
C LEU C 78 -11.38 6.01 19.50
N CYS C 79 -12.20 5.55 20.43
CA CYS C 79 -12.21 4.16 20.86
C CYS C 79 -12.99 3.34 19.84
N MET C 80 -12.46 2.18 19.47
CA MET C 80 -13.09 1.34 18.46
C MET C 80 -12.92 -0.14 18.81
N VAL C 81 -13.92 -0.92 18.42
CA VAL C 81 -13.82 -2.38 18.41
C VAL C 81 -14.12 -2.85 17.00
N PHE C 82 -13.20 -3.60 16.41
CA PHE C 82 -13.42 -4.23 15.11
C PHE C 82 -13.41 -5.75 15.26
N GLU C 83 -14.24 -6.40 14.46
CA GLU C 83 -14.41 -7.85 14.47
C GLU C 83 -14.01 -8.45 13.14
N GLY C 84 -13.29 -9.57 13.19
CA GLY C 84 -12.94 -10.29 11.98
C GLY C 84 -12.12 -11.52 12.32
N VAL C 85 -11.81 -12.29 11.28
CA VAL C 85 -10.97 -13.47 11.47
C VAL C 85 -9.57 -13.01 11.82
N ASP C 86 -9.03 -13.51 12.93
CA ASP C 86 -7.64 -13.20 13.31
C ASP C 86 -7.41 -11.69 13.41
N VAL C 87 -8.45 -10.93 13.77
CA VAL C 87 -8.34 -9.47 13.62
C VAL C 87 -7.34 -8.85 14.59
N ILE C 88 -7.07 -9.50 15.73
CA ILE C 88 -6.11 -8.92 16.66
C ILE C 88 -4.72 -8.85 16.02
N ALA C 89 -4.23 -10.01 15.56
CA ALA C 89 -2.93 -10.04 14.90
C ALA C 89 -2.96 -9.27 13.58
N GLN C 90 -4.06 -9.33 12.85
CA GLN C 90 -4.09 -8.70 11.54
C GLN C 90 -4.08 -7.18 11.67
N ALA C 91 -4.83 -6.65 12.64
CA ALA C 91 -4.80 -5.20 12.85
C ALA C 91 -3.41 -4.75 13.25
N ARG C 92 -2.70 -5.53 14.07
CA ARG C 92 -1.33 -5.17 14.40
C ARG C 92 -0.45 -5.13 13.18
N LYS C 93 -0.61 -6.11 12.27
CA LYS C 93 0.15 -6.12 11.03
C LYS C 93 -0.18 -4.90 10.18
N MET C 94 -1.46 -4.51 10.13
CA MET C 94 -1.86 -3.35 9.34
C MET C 94 -1.34 -2.05 9.94
N MET C 95 -1.24 -1.98 11.27
CA MET C 95 -0.70 -0.79 11.91
CA MET C 95 -0.69 -0.78 11.90
C MET C 95 0.79 -0.64 11.62
N GLY C 96 1.52 -1.76 11.60
CA GLY C 96 2.96 -1.76 11.45
C GLY C 96 3.67 -1.56 12.77
N SER C 97 5.00 -1.68 12.69
CA SER C 97 5.89 -1.53 13.83
C SER C 97 5.61 -0.25 14.61
N THR C 98 5.82 -0.32 15.92
CA THR C 98 5.66 0.85 16.80
C THR C 98 6.44 2.05 16.30
N ARG C 99 7.66 1.82 15.83
CA ARG C 99 8.49 2.88 15.27
C ARG C 99 8.16 3.00 13.79
N PRO C 100 7.57 4.10 13.35
CA PRO C 100 7.18 4.18 11.92
C PRO C 100 8.33 3.95 10.97
N GLY C 101 9.55 4.34 11.34
CA GLY C 101 10.67 4.14 10.44
C GLY C 101 11.01 2.69 10.20
N GLU C 102 10.57 1.80 11.10
CA GLU C 102 10.76 0.36 10.96
C GLU C 102 9.56 -0.35 10.37
N ALA C 103 8.43 0.34 10.24
CA ALA C 103 7.21 -0.28 9.76
C ALA C 103 7.26 -0.49 8.25
N ALA C 104 6.52 -1.50 7.78
CA ALA C 104 6.55 -1.89 6.38
C ALA C 104 5.74 -0.90 5.53
N PRO C 105 6.18 -0.59 4.32
CA PRO C 105 5.34 0.25 3.46
C PRO C 105 3.97 -0.39 3.30
N GLY C 106 2.95 0.45 3.28
CA GLY C 106 1.59 0.01 3.23
C GLY C 106 0.92 -0.16 4.58
N THR C 107 1.67 -0.05 5.68
CA THR C 107 1.08 -0.04 7.00
C THR C 107 0.72 1.39 7.40
N ILE C 108 -0.17 1.51 8.39
CA ILE C 108 -0.62 2.83 8.82
C ILE C 108 0.56 3.65 9.31
N ARG C 109 1.40 3.07 10.17
CA ARG C 109 2.47 3.88 10.74
C ARG C 109 3.48 4.29 9.69
N ALA C 110 3.81 3.39 8.76
CA ALA C 110 4.75 3.76 7.70
C ALA C 110 4.16 4.81 6.76
N ASP C 111 2.86 4.76 6.51
CA ASP C 111 2.26 5.64 5.50
C ASP C 111 1.97 7.02 6.07
N PHE C 112 1.78 7.13 7.39
CA PHE C 112 1.31 8.36 8.01
C PHE C 112 2.31 9.03 8.96
N CYS C 113 3.29 8.31 9.51
CA CYS C 113 3.98 8.80 10.70
C CYS C 113 5.50 8.78 10.54
N GLN C 114 6.15 9.41 11.52
CA GLN C 114 7.61 9.54 11.56
C GLN C 114 8.24 8.95 12.80
N GLN C 115 7.61 9.14 13.97
CA GLN C 115 8.21 8.78 15.24
C GLN C 115 7.24 8.02 16.12
N ALA C 116 7.81 7.14 16.97
CA ALA C 116 6.98 6.27 17.80
C ALA C 116 6.09 7.05 18.75
N GLY C 117 6.54 8.21 19.23
CA GLY C 117 5.75 8.99 20.14
C GLY C 117 4.53 9.63 19.52
N ARG C 118 4.45 9.66 18.18
CA ARG C 118 3.25 10.12 17.45
C ARG C 118 3.00 9.10 16.35
N ASN C 119 2.43 7.96 16.72
CA ASN C 119 2.24 6.86 15.78
C ASN C 119 0.77 6.50 15.57
N LEU C 120 -0.12 7.47 15.83
CA LEU C 120 -1.49 7.60 15.32
C LEU C 120 -2.55 6.66 15.89
N ILE C 121 -2.17 5.48 16.35
CA ILE C 121 -3.16 4.45 16.61
C ILE C 121 -2.57 3.44 17.57
N HIS C 122 -3.44 2.88 18.41
CA HIS C 122 -3.14 1.75 19.27
C HIS C 122 -4.02 0.58 18.87
N GLY C 123 -3.47 -0.63 18.95
CA GLY C 123 -4.24 -1.85 18.79
C GLY C 123 -3.83 -2.90 19.81
N SER C 124 -4.79 -3.70 20.29
CA SER C 124 -4.48 -4.72 21.26
C SER C 124 -3.45 -5.68 20.67
N ASP C 125 -2.57 -6.17 21.53
CA ASP C 125 -1.48 -7.01 21.06
C ASP C 125 -1.72 -8.52 21.24
N SER C 126 -2.84 -8.92 21.84
CA SER C 126 -3.09 -10.33 22.12
C SER C 126 -4.56 -10.50 22.50
N ALA C 127 -4.99 -11.77 22.57
CA ALA C 127 -6.35 -12.06 22.97
C ALA C 127 -6.62 -11.54 24.39
N GLU C 128 -5.71 -11.77 25.33
CA GLU C 128 -5.93 -11.29 26.68
C GLU C 128 -5.99 -9.78 26.75
N SER C 129 -5.08 -9.09 26.04
CA SER C 129 -5.10 -7.63 26.08
CA SER C 129 -5.08 -7.63 26.03
C SER C 129 -6.33 -7.07 25.36
N ALA C 130 -6.80 -7.73 24.31
CA ALA C 130 -8.03 -7.24 23.66
C ALA C 130 -9.21 -7.30 24.61
N LYS C 131 -9.37 -8.43 25.31
CA LYS C 131 -10.49 -8.54 26.24
C LYS C 131 -10.39 -7.49 27.35
N ARG C 132 -9.18 -7.29 27.89
CA ARG C 132 -9.00 -6.31 28.95
C ARG C 132 -9.27 -4.89 28.47
N GLU C 133 -8.73 -4.54 27.30
CA GLU C 133 -8.87 -3.17 26.80
C GLU C 133 -10.30 -2.86 26.37
N ILE C 134 -10.99 -3.82 25.74
CA ILE C 134 -12.39 -3.59 25.39
C ILE C 134 -13.20 -3.31 26.66
N SER C 135 -12.99 -4.11 27.71
CA SER C 135 -13.73 -3.91 28.94
C SER C 135 -13.35 -2.62 29.66
N LEU C 136 -12.12 -2.15 29.48
CA LEU C 136 -11.68 -0.91 30.10
C LEU C 136 -12.38 0.30 29.49
N TRP C 137 -12.46 0.34 28.17
CA TRP C 137 -12.90 1.53 27.45
C TRP C 137 -14.38 1.49 27.07
N PHE C 138 -15.01 0.31 27.07
CA PHE C 138 -16.41 0.17 26.69
C PHE C 138 -17.21 -0.57 27.76
N LYS C 139 -18.43 -0.11 28.02
CA LYS C 139 -19.40 -0.89 28.78
C LYS C 139 -20.03 -1.94 27.86
N PRO C 140 -20.51 -3.07 28.41
CA PRO C 140 -21.07 -4.11 27.53
C PRO C 140 -22.20 -3.61 26.65
N GLU C 141 -23.02 -2.70 27.15
CA GLU C 141 -24.15 -2.19 26.37
C GLU C 141 -23.70 -1.37 25.15
N GLU C 142 -22.44 -0.96 25.09
CA GLU C 142 -21.89 -0.21 23.97
C GLU C 142 -21.38 -1.10 22.85
N ILE C 143 -21.29 -2.42 23.07
CA ILE C 143 -20.82 -3.35 22.04
C ILE C 143 -22.03 -3.85 21.27
N GLN C 144 -22.02 -3.64 19.95
CA GLN C 144 -23.17 -3.82 19.09
C GLN C 144 -22.99 -5.08 18.26
N SER C 145 -23.98 -5.97 18.31
CA SER C 145 -23.95 -7.23 17.59
CA SER C 145 -23.95 -7.23 17.58
C SER C 145 -24.89 -7.14 16.39
N TYR C 146 -24.33 -7.31 15.20
CA TYR C 146 -25.11 -7.37 13.97
C TYR C 146 -24.24 -8.12 12.96
N LYS C 147 -24.86 -8.55 11.88
CA LYS C 147 -24.19 -9.34 10.86
C LYS C 147 -24.01 -8.49 9.61
N LEU C 148 -22.81 -8.56 9.02
CA LEU C 148 -22.57 -7.88 7.76
C LEU C 148 -23.33 -8.59 6.63
N ALA C 149 -24.03 -7.80 5.82
CA ALA C 149 -24.80 -8.35 4.71
C ALA C 149 -23.92 -9.03 3.68
N LEU C 150 -22.64 -8.65 3.57
CA LEU C 150 -21.71 -9.28 2.64
C LEU C 150 -20.97 -10.47 3.25
N SER C 151 -21.43 -10.99 4.39
CA SER C 151 -20.71 -12.07 5.08
CA SER C 151 -20.70 -12.05 5.08
C SER C 151 -20.40 -13.23 4.17
N ASP C 152 -21.34 -13.61 3.29
CA ASP C 152 -21.11 -14.79 2.45
C ASP C 152 -19.94 -14.59 1.51
N TYR C 153 -19.56 -13.35 1.23
CA TYR C 153 -18.48 -13.01 0.32
C TYR C 153 -17.22 -12.59 1.04
N ILE C 154 -17.23 -12.57 2.37
CA ILE C 154 -16.07 -12.24 3.18
C ILE C 154 -15.49 -13.48 3.85
N PHE C 155 -16.36 -14.35 4.36
CA PHE C 155 -15.94 -15.51 5.14
C PHE C 155 -16.10 -16.79 4.34
N GLU C 156 -15.17 -17.72 4.57
CA GLU C 156 -15.27 -19.06 4.04
C GLU C 156 -16.45 -19.79 4.62
C1 CIT D . 18.76 6.51 -11.96
O1 CIT D . 18.65 7.75 -11.74
O2 CIT D . 18.39 5.91 -12.99
C2 CIT D . 19.36 5.62 -10.85
C3 CIT D . 18.44 5.49 -9.65
O7 CIT D . 17.21 4.96 -10.14
C4 CIT D . 19.06 4.60 -8.56
C5 CIT D . 18.12 4.28 -7.38
O3 CIT D . 18.31 3.27 -6.69
O4 CIT D . 17.20 5.09 -7.18
C6 CIT D . 18.27 6.94 -9.09
O5 CIT D . 17.21 7.52 -9.45
O6 CIT D . 19.17 7.42 -8.36
C1 CIT E . -8.55 -20.54 -5.46
O1 CIT E . -9.03 -20.25 -6.58
O2 CIT E . -9.15 -20.55 -4.37
C2 CIT E . -7.05 -20.88 -5.42
C3 CIT E . -6.14 -19.69 -5.73
O7 CIT E . -6.41 -18.64 -4.81
C4 CIT E . -4.67 -20.15 -5.70
C5 CIT E . -3.64 -19.03 -5.59
O3 CIT E . -2.44 -19.36 -5.55
O4 CIT E . -4.08 -17.86 -5.55
C6 CIT E . -6.45 -19.19 -7.16
O5 CIT E . -6.98 -18.05 -7.20
O6 CIT E . -6.17 -19.91 -8.12
C1 CIT F . 2.11 3.83 23.06
O1 CIT F . 0.86 3.91 23.19
O2 CIT F . 2.92 4.77 23.01
C2 CIT F . 2.70 2.42 22.93
C3 CIT F . 2.22 1.69 21.67
O7 CIT F . 2.52 2.52 20.56
C4 CIT F . 2.96 0.34 21.61
C5 CIT F . 2.55 -0.60 20.48
O3 CIT F . 2.66 -1.82 20.67
O4 CIT F . 2.11 -0.05 19.43
C6 CIT F . 0.70 1.39 21.86
O5 CIT F . -0.10 2.18 21.30
O6 CIT F . 0.37 0.41 22.55
#